data_1YTL
#
_entry.id   1YTL
#
_cell.length_a   36.664
_cell.length_b   61.944
_cell.length_c   71.198
_cell.angle_alpha   93.92
_cell.angle_beta   103.64
_cell.angle_gamma   94.14
#
_symmetry.space_group_name_H-M   'P 1'
#
loop_
_entity.id
_entity.type
_entity.pdbx_description
1 polymer 'Acetyl-CoA decarboxylase/synthase complex epsilon subunit 2'
2 water water
#
_entity_poly.entity_id   1
_entity_poly.type   'polypeptide(L)'
_entity_poly.pdbx_seq_one_letter_code
;AKALEQPFDVANIPGPKMATLLEKGKPVANMIKKAKRPLLIVGPDMTDEMFERVKKFVEKDITVVATGSAITRFIDAGLG
EKVNYAVLHELTQFLLDPDWKGFDGQGNYDLVLMLGSIYYHGSQMLAAIKNFAPHIRALAIDRYYHPNADMSFGNLWKKE
EDYLKLLDEILAEL
;
_entity_poly.pdbx_strand_id   A,B,C,D
#
# COMPACT_ATOMS: atom_id res chain seq x y z
N LYS A 17 18.98 31.34 15.60
CA LYS A 17 19.09 29.95 15.12
C LYS A 17 18.75 29.85 13.62
N MET A 18 19.70 29.31 12.85
CA MET A 18 19.50 28.89 11.45
C MET A 18 19.19 27.41 11.52
N ALA A 19 18.34 26.92 10.60
CA ALA A 19 18.08 25.49 10.38
C ALA A 19 19.38 24.66 10.31
N THR A 20 19.46 23.62 11.15
CA THR A 20 20.52 22.60 11.10
C THR A 20 20.45 21.98 9.75
N LEU A 21 21.62 21.85 9.11
CA LEU A 21 21.70 21.23 7.81
C LEU A 21 21.54 19.71 7.92
N LEU A 22 20.62 19.18 7.12
CA LEU A 22 20.39 17.74 6.96
C LEU A 22 21.05 17.34 5.66
N GLU A 23 21.87 16.30 5.76
CA GLU A 23 22.72 15.85 4.67
C GLU A 23 22.43 14.41 4.27
N LYS A 24 21.48 13.77 5.00
CA LYS A 24 21.10 12.35 4.75
C LYS A 24 19.57 12.17 5.00
N GLY A 25 18.89 11.32 4.24
CA GLY A 25 17.47 11.06 4.50
C GLY A 25 17.08 10.15 5.68
N LYS A 26 17.96 9.21 6.10
CA LYS A 26 17.70 8.34 7.28
C LYS A 26 17.27 9.12 8.56
N PRO A 27 18.01 10.18 8.94
CA PRO A 27 17.58 11.00 10.10
C PRO A 27 16.15 11.53 9.99
N VAL A 28 15.77 11.99 8.79
CA VAL A 28 14.40 12.43 8.52
C VAL A 28 13.36 11.31 8.69
N ALA A 29 13.63 10.12 8.16
CA ALA A 29 12.77 8.94 8.38
C ALA A 29 12.62 8.67 9.89
N ASN A 30 13.75 8.65 10.61
CA ASN A 30 13.71 8.40 12.06
C ASN A 30 12.76 9.41 12.79
N MET A 31 12.81 10.69 12.43
CA MET A 31 11.92 11.68 13.05
C MET A 31 10.49 11.44 12.65
N ILE A 32 10.29 11.05 11.40
CA ILE A 32 8.90 10.73 10.94
C ILE A 32 8.36 9.56 11.81
N LYS A 33 9.18 8.51 11.99
CA LYS A 33 8.76 7.31 12.75
C LYS A 33 8.50 7.63 14.23
N LYS A 34 9.33 8.48 14.83
CA LYS A 34 9.13 8.87 16.22
C LYS A 34 7.98 9.87 16.50
N ALA A 35 7.56 10.69 15.52
CA ALA A 35 6.52 11.69 15.77
C ALA A 35 5.20 11.00 16.05
N LYS A 36 4.39 11.66 16.85
CA LYS A 36 3.07 11.19 17.06
C LYS A 36 2.27 11.36 15.77
N ARG A 37 2.31 12.54 15.15
CA ARG A 37 1.39 12.84 14.06
C ARG A 37 2.15 13.66 13.03
N PRO A 38 2.93 13.02 12.17
CA PRO A 38 3.71 13.81 11.15
C PRO A 38 2.84 14.27 9.98
N LEU A 39 3.13 15.46 9.44
CA LEU A 39 2.39 16.01 8.35
C LEU A 39 3.41 16.40 7.25
N LEU A 40 3.11 15.98 6.02
CA LEU A 40 3.94 16.32 4.88
C LEU A 40 3.13 17.34 4.03
N ILE A 41 3.62 18.57 3.96
CA ILE A 41 2.96 19.61 3.15
C ILE A 41 3.67 19.62 1.81
N VAL A 42 2.89 19.45 0.76
CA VAL A 42 3.43 19.42 -0.60
C VAL A 42 2.89 20.63 -1.39
N GLY A 43 3.75 21.59 -1.72
CA GLY A 43 3.37 22.69 -2.62
C GLY A 43 3.59 22.43 -4.13
N PRO A 44 3.32 23.46 -4.99
CA PRO A 44 3.36 23.40 -6.46
C PRO A 44 4.77 23.39 -7.14
N ASP A 45 5.82 23.75 -6.39
CA ASP A 45 7.18 23.81 -6.98
C ASP A 45 7.84 22.41 -6.92
N MET A 46 7.24 21.48 -7.68
CA MET A 46 7.69 20.06 -7.68
C MET A 46 7.98 19.74 -9.08
N THR A 47 9.20 19.25 -9.31
CA THR A 47 9.49 18.65 -10.58
C THR A 47 8.70 17.33 -10.72
N ASP A 48 8.63 16.87 -11.96
CA ASP A 48 8.07 15.54 -12.27
C ASP A 48 8.73 14.44 -11.43
N GLU A 49 10.05 14.40 -11.38
CA GLU A 49 10.76 13.42 -10.54
C GLU A 49 10.50 13.61 -9.07
N MET A 50 10.36 14.86 -8.60
CA MET A 50 9.96 15.03 -7.18
C MET A 50 8.60 14.40 -6.92
N PHE A 51 7.67 14.61 -7.86
CA PHE A 51 6.34 14.10 -7.66
C PHE A 51 6.28 12.56 -7.63
N GLU A 52 7.22 11.90 -8.32
CA GLU A 52 7.33 10.43 -8.19
C GLU A 52 7.57 10.00 -6.75
N ARG A 53 8.46 10.69 -6.04
CA ARG A 53 8.69 10.47 -4.61
C ARG A 53 7.46 10.73 -3.73
N VAL A 54 6.77 11.83 -4.00
CA VAL A 54 5.60 12.23 -3.28
C VAL A 54 4.47 11.21 -3.39
N LYS A 55 4.20 10.70 -4.60
CA LYS A 55 3.29 9.57 -4.71
C LYS A 55 3.65 8.47 -3.71
N LYS A 56 4.92 8.14 -3.57
CA LYS A 56 5.33 7.07 -2.65
C LYS A 56 5.13 7.41 -1.15
N PHE A 57 5.36 8.67 -0.78
CA PHE A 57 5.03 9.14 0.57
C PHE A 57 3.56 8.92 0.96
N VAL A 58 2.66 9.10 0.00
CA VAL A 58 1.19 8.91 0.17
C VAL A 58 0.88 7.50 0.68
N GLU A 59 1.73 6.57 0.34
CA GLU A 59 1.55 5.21 0.74
C GLU A 59 2.17 4.91 2.10
N LYS A 60 2.83 5.89 2.72
CA LYS A 60 3.51 5.66 4.01
C LYS A 60 2.59 6.14 5.13
N ASP A 61 2.96 5.84 6.37
CA ASP A 61 2.22 6.26 7.57
C ASP A 61 2.56 7.71 7.96
N ILE A 62 2.00 8.63 7.17
CA ILE A 62 2.22 10.07 7.22
C ILE A 62 0.98 10.75 6.65
N THR A 63 0.56 11.86 7.24
CA THR A 63 -0.55 12.61 6.66
C THR A 63 -0.02 13.55 5.55
N VAL A 64 -0.65 13.51 4.37
CA VAL A 64 -0.16 14.35 3.25
C VAL A 64 -1.18 15.46 2.97
N VAL A 65 -0.73 16.69 2.89
CA VAL A 65 -1.60 17.81 2.43
C VAL A 65 -0.98 18.53 1.19
N ALA A 66 -1.76 18.68 0.11
CA ALA A 66 -1.31 19.38 -1.10
C ALA A 66 -1.78 20.83 -1.02
N THR A 67 -0.93 21.78 -1.40
CA THR A 67 -1.34 23.18 -1.45
C THR A 67 -1.35 23.72 -2.86
N GLY A 68 -2.22 24.68 -3.09
CA GLY A 68 -2.51 25.22 -4.44
C GLY A 68 -2.50 24.16 -5.51
N SER A 69 -1.69 24.41 -6.53
CA SER A 69 -1.68 23.68 -7.78
C SER A 69 -1.26 22.21 -7.67
N ALA A 70 -0.57 21.86 -6.58
CA ALA A 70 -0.10 20.51 -6.31
C ALA A 70 -1.26 19.53 -6.27
N ILE A 71 -2.40 19.99 -5.73
CA ILE A 71 -3.61 19.14 -5.68
C ILE A 71 -4.00 18.50 -7.05
N THR A 72 -3.84 19.27 -8.14
CA THR A 72 -4.04 18.78 -9.50
C THR A 72 -3.21 17.56 -9.90
N ARG A 73 -1.94 17.57 -9.54
CA ARG A 73 -1.09 16.42 -9.77
C ARG A 73 -1.63 15.15 -9.11
N PHE A 74 -2.07 15.28 -7.85
CA PHE A 74 -2.57 14.12 -7.10
C PHE A 74 -3.85 13.66 -7.74
N ILE A 75 -4.71 14.59 -8.13
CA ILE A 75 -5.94 14.23 -8.85
C ILE A 75 -5.61 13.43 -10.13
N ASP A 76 -4.69 13.92 -10.96
CA ASP A 76 -4.42 13.27 -12.26
C ASP A 76 -3.75 11.92 -12.05
N ALA A 77 -3.11 11.74 -10.89
CA ALA A 77 -2.52 10.45 -10.49
C ALA A 77 -3.53 9.54 -9.80
N GLY A 78 -4.79 9.99 -9.69
CA GLY A 78 -5.80 9.23 -8.93
C GLY A 78 -5.59 9.08 -7.42
N LEU A 79 -4.88 10.04 -6.81
CA LEU A 79 -4.56 10.02 -5.39
C LEU A 79 -5.32 11.08 -4.61
N GLY A 80 -6.32 11.67 -5.28
CA GLY A 80 -7.13 12.74 -4.76
C GLY A 80 -7.78 12.36 -3.46
N GLU A 81 -8.36 11.17 -3.42
CA GLU A 81 -9.00 10.64 -2.22
C GLU A 81 -8.05 10.05 -1.14
N LYS A 82 -6.75 10.26 -1.32
CA LYS A 82 -5.70 9.78 -0.42
C LYS A 82 -4.88 10.94 0.20
N VAL A 83 -5.22 12.18 -0.17
CA VAL A 83 -4.56 13.34 0.37
C VAL A 83 -5.52 14.50 0.80
N ASN A 84 -5.01 15.37 1.67
CA ASN A 84 -5.74 16.57 2.06
C ASN A 84 -5.37 17.71 1.14
N TYR A 85 -6.19 18.77 1.17
CA TYR A 85 -5.93 19.97 0.42
C TYR A 85 -6.03 21.20 1.36
N ALA A 86 -5.24 22.25 1.08
CA ALA A 86 -5.30 23.48 1.85
C ALA A 86 -4.74 24.60 1.01
N VAL A 87 -5.10 25.83 1.38
CA VAL A 87 -4.42 27.02 0.94
C VAL A 87 -3.31 27.24 1.97
N LEU A 88 -2.08 27.52 1.52
CA LEU A 88 -0.90 27.48 2.43
C LEU A 88 -1.02 28.41 3.67
N HIS A 89 -1.40 29.67 3.46
CA HIS A 89 -1.50 30.59 4.58
C HIS A 89 -2.61 30.20 5.58
N GLU A 90 -3.72 29.64 5.09
CA GLU A 90 -4.80 29.11 5.92
C GLU A 90 -4.32 27.90 6.74
N LEU A 91 -3.66 26.96 6.07
CA LEU A 91 -3.08 25.83 6.77
C LEU A 91 -2.10 26.35 7.88
N THR A 92 -1.34 27.41 7.58
CA THR A 92 -0.38 27.89 8.58
C THR A 92 -1.11 28.46 9.77
N GLN A 93 -2.21 29.16 9.50
CA GLN A 93 -3.06 29.65 10.57
C GLN A 93 -3.52 28.54 11.54
N PHE A 94 -4.06 27.46 10.98
CA PHE A 94 -4.53 26.31 11.74
C PHE A 94 -3.36 25.66 12.54
N LEU A 95 -2.21 25.49 11.90
CA LEU A 95 -1.04 24.88 12.56
C LEU A 95 -0.63 25.67 13.82
N LEU A 96 -0.59 27.01 13.72
CA LEU A 96 -0.19 27.88 14.84
C LEU A 96 -1.02 27.67 16.13
N ASP A 97 -2.30 27.37 15.97
CA ASP A 97 -3.18 27.16 17.10
C ASP A 97 -2.79 25.84 17.77
N PRO A 98 -2.28 25.89 19.02
CA PRO A 98 -1.89 24.62 19.69
C PRO A 98 -3.08 23.58 19.85
N ASP A 99 -4.30 24.11 19.85
CA ASP A 99 -5.54 23.38 20.04
C ASP A 99 -6.27 22.95 18.77
N TRP A 100 -5.70 23.26 17.60
CA TRP A 100 -6.25 22.76 16.31
C TRP A 100 -6.29 21.25 16.29
N LYS A 101 -7.45 20.72 15.86
CA LYS A 101 -7.78 19.28 15.75
C LYS A 101 -7.23 18.56 14.49
N GLY A 102 -6.63 19.32 13.56
CA GLY A 102 -6.03 18.72 12.36
C GLY A 102 -7.09 18.36 11.35
N PHE A 103 -6.64 17.81 10.24
CA PHE A 103 -7.57 17.35 9.19
C PHE A 103 -8.51 16.21 9.63
N ASP A 104 -8.01 15.33 10.50
CA ASP A 104 -8.86 14.23 10.95
C ASP A 104 -9.60 14.42 12.29
N GLY A 105 -9.63 15.64 12.84
CA GLY A 105 -10.26 15.91 14.16
C GLY A 105 -9.52 15.29 15.35
N GLN A 106 -8.36 14.68 15.12
CA GLN A 106 -7.68 13.97 16.22
C GLN A 106 -6.42 14.64 16.73
N GLY A 107 -6.19 15.89 16.32
CA GLY A 107 -5.09 16.65 16.88
C GLY A 107 -4.19 17.41 15.90
N ASN A 108 -3.32 18.22 16.49
CA ASN A 108 -2.36 18.98 15.70
C ASN A 108 -1.24 18.01 15.28
N TYR A 109 -0.32 18.50 14.47
CA TYR A 109 0.82 17.72 14.00
C TYR A 109 2.11 18.18 14.67
N ASP A 110 2.81 17.22 15.27
CA ASP A 110 3.93 17.55 16.10
C ASP A 110 5.22 17.72 15.25
N LEU A 111 5.23 17.12 14.05
CA LEU A 111 6.33 17.18 13.08
C LEU A 111 5.68 17.60 11.75
N VAL A 112 6.12 18.74 11.20
CA VAL A 112 5.67 19.20 9.91
C VAL A 112 6.87 19.18 8.92
N LEU A 113 6.71 18.51 7.79
CA LEU A 113 7.74 18.51 6.70
C LEU A 113 7.22 19.25 5.48
N MET A 114 8.09 20.02 4.84
CA MET A 114 7.66 20.88 3.74
C MET A 114 8.48 20.59 2.52
N LEU A 115 7.81 20.32 1.41
CA LEU A 115 8.50 20.23 0.13
C LEU A 115 7.65 20.79 -0.98
N GLY A 116 8.30 21.36 -1.96
CA GLY A 116 7.59 21.88 -3.12
C GLY A 116 7.02 23.25 -2.77
N SER A 117 7.43 23.85 -1.65
CA SER A 117 6.90 25.22 -1.40
C SER A 117 7.47 26.26 -2.34
N ILE A 118 6.61 27.18 -2.78
CA ILE A 118 7.12 28.40 -3.38
C ILE A 118 7.99 28.98 -2.27
N TYR A 119 9.28 29.09 -2.57
CA TYR A 119 10.31 29.40 -1.60
C TYR A 119 9.91 30.55 -0.63
N TYR A 120 9.49 31.69 -1.16
CA TYR A 120 9.17 32.84 -0.35
C TYR A 120 8.08 32.54 0.65
N HIS A 121 6.99 31.97 0.15
CA HIS A 121 5.89 31.57 1.02
C HIS A 121 6.28 30.52 2.03
N GLY A 122 7.00 29.48 1.62
CA GLY A 122 7.45 28.43 2.52
C GLY A 122 8.29 29.03 3.65
N SER A 123 9.14 30.02 3.29
CA SER A 123 10.03 30.67 4.25
C SER A 123 9.19 31.40 5.34
N GLN A 124 8.14 32.10 4.91
CA GLN A 124 7.23 32.85 5.81
CA GLN A 124 7.30 32.85 5.85
C GLN A 124 6.42 31.95 6.72
N MET A 125 6.00 30.82 6.18
CA MET A 125 5.27 29.85 7.00
C MET A 125 6.22 29.28 8.06
N LEU A 126 7.45 28.95 7.62
CA LEU A 126 8.44 28.37 8.54
C LEU A 126 8.79 29.34 9.65
N ALA A 127 8.88 30.64 9.32
CA ALA A 127 9.15 31.70 10.29
C ALA A 127 7.99 31.79 11.28
N ALA A 128 6.76 31.76 10.78
CA ALA A 128 5.53 31.78 11.60
C ALA A 128 5.53 30.63 12.62
N ILE A 129 5.77 29.42 12.12
CA ILE A 129 5.83 28.21 12.94
C ILE A 129 6.97 28.32 13.98
N LYS A 130 8.14 28.83 13.57
CA LYS A 130 9.24 29.02 14.49
C LYS A 130 8.89 30.05 15.60
N ASN A 131 8.34 31.20 15.21
CA ASN A 131 8.01 32.26 16.16
C ASN A 131 6.85 31.93 17.09
N PHE A 132 5.83 31.25 16.56
CA PHE A 132 4.51 31.18 17.22
C PHE A 132 4.07 29.78 17.54
N ALA A 133 4.71 28.77 16.96
CA ALA A 133 4.29 27.40 17.26
C ALA A 133 5.43 26.50 17.77
N PRO A 134 5.89 26.72 19.03
CA PRO A 134 6.85 25.83 19.70
C PRO A 134 6.37 24.38 19.75
N HIS A 135 5.05 24.17 19.74
CA HIS A 135 4.43 22.81 19.66
C HIS A 135 4.71 22.04 18.32
N ILE A 136 5.32 22.69 17.31
CA ILE A 136 5.61 22.01 16.06
C ILE A 136 7.12 21.99 15.76
N ARG A 137 7.66 20.84 15.41
CA ARG A 137 9.00 20.84 14.81
C ARG A 137 8.86 20.82 13.29
N ALA A 138 9.55 21.75 12.60
CA ALA A 138 9.39 21.93 11.14
C ALA A 138 10.66 21.56 10.37
N LEU A 139 10.55 20.66 9.41
CA LEU A 139 11.69 20.26 8.58
C LEU A 139 11.46 20.70 7.13
N ALA A 140 12.40 21.42 6.54
CA ALA A 140 12.25 21.77 5.11
C ALA A 140 13.02 20.71 4.37
N ILE A 141 12.33 19.98 3.50
CA ILE A 141 12.98 18.89 2.72
C ILE A 141 12.86 19.16 1.22
N ASP A 142 13.39 20.30 0.84
CA ASP A 142 13.35 20.80 -0.51
C ASP A 142 14.79 20.89 -1.05
N ARG A 143 14.90 21.31 -2.30
CA ARG A 143 16.21 21.51 -2.97
C ARG A 143 16.86 22.91 -2.74
N TYR A 144 16.33 23.67 -1.78
CA TYR A 144 16.83 24.99 -1.37
C TYR A 144 16.90 24.99 0.15
N TYR A 145 17.98 25.59 0.67
CA TYR A 145 18.14 25.79 2.09
C TYR A 145 17.11 26.77 2.62
N HIS A 146 16.39 26.35 3.65
CA HIS A 146 15.40 27.18 4.36
C HIS A 146 15.92 27.41 5.79
N PRO A 147 16.54 28.58 6.03
CA PRO A 147 17.14 28.92 7.31
C PRO A 147 16.15 28.95 8.42
N ASN A 148 14.88 29.13 8.07
CA ASN A 148 13.76 29.32 9.06
C ASN A 148 13.16 28.00 9.55
N ALA A 149 13.46 26.88 8.87
CA ALA A 149 13.12 25.52 9.40
C ALA A 149 13.89 25.24 10.73
N ASP A 150 13.49 24.19 11.47
CA ASP A 150 14.33 23.72 12.55
C ASP A 150 15.49 22.98 11.90
N MET A 151 15.16 22.21 10.88
CA MET A 151 16.17 21.55 10.08
C MET A 151 15.87 21.66 8.61
N SER A 152 16.91 21.70 7.77
CA SER A 152 16.70 21.82 6.33
C SER A 152 17.75 21.05 5.53
N PHE A 153 17.32 20.56 4.36
CA PHE A 153 18.27 20.18 3.30
C PHE A 153 19.01 21.48 2.84
N GLY A 154 20.14 21.32 2.17
CA GLY A 154 20.90 22.47 1.68
C GLY A 154 20.48 22.83 0.27
N ASN A 155 21.30 23.66 -0.37
CA ASN A 155 21.00 24.13 -1.71
C ASN A 155 21.48 23.07 -2.65
N LEU A 156 20.59 22.19 -3.05
CA LEU A 156 20.94 21.07 -3.90
C LEU A 156 20.45 21.27 -5.31
N TRP A 157 19.79 22.39 -5.59
CA TRP A 157 19.05 22.58 -6.85
C TRP A 157 19.96 22.52 -8.10
N LYS A 158 21.26 22.77 -7.95
CA LYS A 158 22.15 22.66 -9.15
C LYS A 158 22.32 21.25 -9.67
N LYS A 159 22.07 20.26 -8.84
CA LYS A 159 22.26 18.86 -9.15
C LYS A 159 21.07 18.13 -8.53
N GLU A 160 19.91 18.21 -9.18
CA GLU A 160 18.64 17.69 -8.62
C GLU A 160 18.71 16.23 -8.15
N GLU A 161 19.52 15.41 -8.85
CA GLU A 161 19.68 13.97 -8.51
C GLU A 161 20.15 13.77 -7.09
N ASP A 162 21.03 14.65 -6.60
CA ASP A 162 21.54 14.59 -5.21
C ASP A 162 20.35 14.70 -4.26
N TYR A 163 19.41 15.55 -4.62
CA TYR A 163 18.22 15.81 -3.80
C TYR A 163 17.23 14.62 -3.81
N LEU A 164 16.93 14.14 -5.01
CA LEU A 164 16.18 12.87 -5.24
C LEU A 164 16.73 11.72 -4.44
N LYS A 165 18.04 11.58 -4.40
CA LYS A 165 18.69 10.57 -3.58
C LYS A 165 18.34 10.72 -2.08
N LEU A 166 18.28 11.98 -1.57
CA LEU A 166 17.98 12.19 -0.17
C LEU A 166 16.52 11.72 0.09
N LEU A 167 15.59 12.15 -0.78
CA LEU A 167 14.22 11.72 -0.72
C LEU A 167 14.12 10.20 -0.77
N ASP A 168 14.89 9.55 -1.64
CA ASP A 168 14.96 8.06 -1.71
C ASP A 168 15.49 7.43 -0.40
N GLU A 169 16.41 8.09 0.29
CA GLU A 169 16.89 7.60 1.58
C GLU A 169 15.78 7.67 2.67
N ILE A 170 15.04 8.75 2.71
CA ILE A 170 13.87 8.83 3.56
C ILE A 170 12.92 7.65 3.30
N LEU A 171 12.50 7.52 2.04
CA LEU A 171 11.54 6.49 1.62
C LEU A 171 11.98 5.05 1.96
N ALA A 172 13.27 4.73 1.74
CA ALA A 172 13.81 3.38 1.99
C ALA A 172 13.73 3.05 3.48
N GLU A 173 13.80 4.08 4.33
CA GLU A 173 13.76 3.91 5.79
C GLU A 173 12.35 3.90 6.37
N LEU A 174 11.38 4.34 5.58
CA LEU A 174 10.00 4.31 6.03
C LEU A 174 9.31 3.02 5.62
N LYS B 17 -43.37 15.45 5.26
CA LYS B 17 -43.38 14.06 5.76
C LYS B 17 -42.06 13.63 6.40
N MET B 18 -42.12 12.51 7.10
CA MET B 18 -40.95 12.01 7.77
C MET B 18 -40.18 11.09 6.80
N ALA B 19 -39.14 10.43 7.32
CA ALA B 19 -38.25 9.62 6.52
C ALA B 19 -38.97 8.46 5.81
N THR B 20 -38.77 8.33 4.51
CA THR B 20 -39.15 7.10 3.75
C THR B 20 -38.48 5.86 4.36
N LEU B 21 -39.28 4.79 4.53
CA LEU B 21 -38.78 3.47 5.01
C LEU B 21 -37.84 2.81 4.01
N LEU B 22 -36.62 2.54 4.46
CA LEU B 22 -35.63 1.71 3.71
C LEU B 22 -35.76 0.26 4.17
N GLU B 23 -36.08 -0.62 3.25
CA GLU B 23 -36.27 -2.02 3.56
C GLU B 23 -35.12 -2.90 3.06
N LYS B 24 -34.25 -2.37 2.19
CA LYS B 24 -33.14 -3.13 1.62
C LYS B 24 -31.82 -2.36 1.70
N GLY B 25 -30.73 -3.12 1.73
CA GLY B 25 -29.40 -2.57 1.84
C GLY B 25 -28.87 -2.08 0.49
N LYS B 26 -29.27 -2.76 -0.61
CA LYS B 26 -28.75 -2.41 -1.98
C LYS B 26 -28.95 -0.94 -2.40
N PRO B 27 -30.20 -0.42 -2.28
CA PRO B 27 -30.46 1.02 -2.50
C PRO B 27 -29.53 2.00 -1.75
N VAL B 28 -29.18 1.68 -0.51
CA VAL B 28 -28.21 2.48 0.23
C VAL B 28 -26.79 2.41 -0.42
N ALA B 29 -26.34 1.21 -0.80
CA ALA B 29 -25.06 1.08 -1.53
C ALA B 29 -25.07 1.86 -2.82
N ASN B 30 -26.18 1.82 -3.55
CA ASN B 30 -26.31 2.58 -4.81
C ASN B 30 -26.26 4.13 -4.61
N MET B 31 -26.91 4.60 -3.54
CA MET B 31 -26.89 6.02 -3.18
C MET B 31 -25.49 6.41 -2.75
N ILE B 32 -24.77 5.52 -2.05
CA ILE B 32 -23.37 5.81 -1.65
C ILE B 32 -22.51 6.03 -2.89
N LYS B 33 -22.62 5.09 -3.84
CA LYS B 33 -21.87 5.08 -5.11
C LYS B 33 -22.14 6.32 -5.94
N LYS B 34 -23.41 6.71 -6.00
CA LYS B 34 -23.83 7.89 -6.78
C LYS B 34 -23.41 9.25 -6.17
N ALA B 35 -23.33 9.33 -4.84
CA ALA B 35 -22.91 10.58 -4.17
C ALA B 35 -21.50 10.94 -4.61
N LYS B 36 -21.24 12.25 -4.74
CA LYS B 36 -19.93 12.76 -5.08
C LYS B 36 -19.00 12.56 -3.86
N ARG B 37 -19.54 12.84 -2.66
CA ARG B 37 -18.75 12.77 -1.44
C ARG B 37 -19.64 12.27 -0.28
N PRO B 38 -19.81 10.92 -0.19
CA PRO B 38 -20.52 10.30 0.91
C PRO B 38 -19.72 10.38 2.23
N LEU B 39 -20.45 10.59 3.32
CA LEU B 39 -19.93 10.65 4.68
C LEU B 39 -20.75 9.66 5.58
N LEU B 40 -20.03 8.78 6.26
CA LEU B 40 -20.65 7.85 7.24
C LEU B 40 -20.31 8.40 8.62
N ILE B 41 -21.33 8.87 9.35
CA ILE B 41 -21.21 9.24 10.75
C ILE B 41 -21.52 8.02 11.66
N VAL B 42 -20.57 7.69 12.54
CA VAL B 42 -20.66 6.52 13.43
C VAL B 42 -20.63 6.98 14.89
N GLY B 43 -21.72 6.80 15.61
CA GLY B 43 -21.73 7.15 17.02
C GLY B 43 -21.50 5.93 17.95
N PRO B 44 -21.52 6.19 19.27
CA PRO B 44 -21.11 5.21 20.30
C PRO B 44 -22.09 4.04 20.55
N ASP B 45 -23.26 4.08 19.92
CA ASP B 45 -24.35 3.09 20.20
C ASP B 45 -24.31 1.92 19.17
N MET B 46 -23.27 1.12 19.31
CA MET B 46 -22.94 0.01 18.44
C MET B 46 -22.74 -1.16 19.35
N THR B 47 -23.43 -2.23 19.02
CA THR B 47 -23.07 -3.53 19.58
C THR B 47 -21.74 -3.98 18.95
N ASP B 48 -21.13 -5.01 19.56
CA ASP B 48 -19.93 -5.63 19.01
C ASP B 48 -20.16 -6.13 17.57
N GLU B 49 -21.30 -6.78 17.37
CA GLU B 49 -21.67 -7.26 16.07
C GLU B 49 -21.77 -6.16 14.99
N MET B 50 -22.38 -5.04 15.34
CA MET B 50 -22.45 -3.85 14.49
C MET B 50 -21.11 -3.32 14.13
N PHE B 51 -20.23 -3.20 15.11
CA PHE B 51 -18.87 -2.68 14.88
C PHE B 51 -18.03 -3.49 13.89
N GLU B 52 -18.18 -4.81 13.93
CA GLU B 52 -17.61 -5.68 12.91
C GLU B 52 -18.01 -5.21 11.48
N ARG B 53 -19.27 -4.79 11.25
CA ARG B 53 -19.65 -4.20 9.94
C ARG B 53 -19.02 -2.84 9.71
N VAL B 54 -19.15 -1.94 10.68
CA VAL B 54 -18.59 -0.61 10.61
C VAL B 54 -17.12 -0.59 10.22
N LYS B 55 -16.33 -1.52 10.74
CA LYS B 55 -14.90 -1.60 10.36
C LYS B 55 -14.70 -1.89 8.86
N LYS B 56 -15.65 -2.65 8.30
CA LYS B 56 -15.69 -2.95 6.86
C LYS B 56 -15.97 -1.68 6.03
N PHE B 57 -16.83 -0.77 6.53
CA PHE B 57 -17.01 0.52 5.86
C PHE B 57 -15.76 1.35 5.66
N VAL B 58 -14.85 1.31 6.64
CA VAL B 58 -13.55 2.03 6.57
C VAL B 58 -12.76 1.72 5.26
N GLU B 59 -12.85 0.44 4.81
CA GLU B 59 -12.23 -0.05 3.59
C GLU B 59 -12.90 0.40 2.30
N LYS B 60 -14.12 0.94 2.36
CA LYS B 60 -14.91 1.32 1.18
C LYS B 60 -14.59 2.79 0.77
N ASP B 61 -15.00 3.22 -0.42
CA ASP B 61 -14.73 4.62 -0.76
C ASP B 61 -15.85 5.55 -0.21
N ILE B 62 -15.73 5.83 1.09
CA ILE B 62 -16.72 6.67 1.84
C ILE B 62 -15.80 7.35 2.88
N THR B 63 -16.10 8.59 3.26
CA THR B 63 -15.40 9.20 4.36
C THR B 63 -16.07 8.73 5.67
N VAL B 64 -15.30 8.32 6.66
CA VAL B 64 -15.91 7.84 7.94
C VAL B 64 -15.47 8.80 9.05
N VAL B 65 -16.43 9.24 9.88
CA VAL B 65 -16.21 10.05 11.07
C VAL B 65 -16.84 9.39 12.29
N ALA B 66 -16.02 9.17 13.32
CA ALA B 66 -16.46 8.63 14.64
C ALA B 66 -16.74 9.78 15.62
N THR B 67 -17.86 9.68 16.33
CA THR B 67 -18.25 10.69 17.31
C THR B 67 -18.24 10.07 18.72
N GLY B 68 -17.98 10.88 19.72
CA GLY B 68 -17.93 10.39 21.13
C GLY B 68 -17.03 9.19 21.31
N SER B 69 -17.52 8.27 22.12
CA SER B 69 -16.92 6.94 22.39
C SER B 69 -16.60 6.03 21.19
N ALA B 70 -17.27 6.23 20.04
CA ALA B 70 -16.98 5.42 18.82
C ALA B 70 -15.50 5.47 18.43
N ILE B 71 -14.84 6.62 18.63
CA ILE B 71 -13.42 6.74 18.29
C ILE B 71 -12.55 5.68 19.00
N THR B 72 -12.85 5.43 20.27
CA THR B 72 -12.19 4.42 21.09
C THR B 72 -12.26 3.04 20.42
N ARG B 73 -13.40 2.66 19.83
CA ARG B 73 -13.54 1.33 19.19
C ARG B 73 -12.56 1.25 17.96
N PHE B 74 -12.54 2.33 17.16
CA PHE B 74 -11.62 2.46 16.02
C PHE B 74 -10.18 2.42 16.45
N ILE B 75 -9.85 3.14 17.52
CA ILE B 75 -8.49 3.15 18.07
C ILE B 75 -8.06 1.73 18.56
N ASP B 76 -8.88 1.08 19.39
CA ASP B 76 -8.66 -0.33 19.80
C ASP B 76 -8.51 -1.33 18.63
N ALA B 77 -9.16 -1.06 17.50
CA ALA B 77 -9.12 -1.91 16.31
C ALA B 77 -7.92 -1.61 15.41
N GLY B 78 -7.10 -0.65 15.79
CA GLY B 78 -5.95 -0.25 14.93
C GLY B 78 -6.33 0.63 13.72
N LEU B 79 -7.52 1.19 13.79
CA LEU B 79 -8.11 1.97 12.71
C LEU B 79 -8.11 3.50 13.01
N GLY B 80 -7.45 3.94 14.08
CA GLY B 80 -7.49 5.36 14.45
C GLY B 80 -7.01 6.28 13.33
N GLU B 81 -5.95 5.89 12.63
CA GLU B 81 -5.36 6.75 11.61
C GLU B 81 -6.10 6.61 10.27
N LYS B 82 -7.21 5.88 10.26
CA LYS B 82 -7.99 5.61 9.05
C LYS B 82 -9.37 6.29 9.12
N VAL B 83 -9.73 6.87 10.26
CA VAL B 83 -11.03 7.52 10.39
C VAL B 83 -10.91 8.94 10.93
N ASN B 84 -11.95 9.72 10.68
CA ASN B 84 -12.03 11.05 11.26
C ASN B 84 -12.78 11.00 12.63
N TYR B 85 -12.59 12.03 13.42
CA TYR B 85 -13.27 12.19 14.71
C TYR B 85 -13.97 13.59 14.77
N ALA B 86 -15.14 13.65 15.40
CA ALA B 86 -15.74 14.94 15.71
C ALA B 86 -16.68 14.81 16.94
N VAL B 87 -16.98 15.96 17.57
CA VAL B 87 -17.97 16.12 18.59
C VAL B 87 -19.24 16.41 17.74
N LEU B 88 -20.35 15.75 18.04
CA LEU B 88 -21.55 15.78 17.14
C LEU B 88 -22.03 17.22 16.94
N HIS B 89 -22.00 18.04 18.00
CA HIS B 89 -22.48 19.44 17.90
C HIS B 89 -21.64 20.30 16.90
N GLU B 90 -20.32 20.20 17.01
CA GLU B 90 -19.40 20.86 16.07
C GLU B 90 -19.58 20.32 14.64
N LEU B 91 -19.74 18.99 14.51
CA LEU B 91 -20.01 18.35 13.22
C LEU B 91 -21.30 18.87 12.52
N THR B 92 -22.37 19.04 13.30
CA THR B 92 -23.61 19.71 12.84
C THR B 92 -23.34 21.10 12.27
N GLN B 93 -22.55 21.89 12.99
CA GLN B 93 -22.22 23.24 12.55
C GLN B 93 -21.47 23.20 11.21
N PHE B 94 -20.45 22.34 11.09
CA PHE B 94 -19.65 22.18 9.87
C PHE B 94 -20.57 21.77 8.73
N LEU B 95 -21.44 20.78 8.98
CA LEU B 95 -22.41 20.30 7.95
C LEU B 95 -23.37 21.36 7.39
N LEU B 96 -23.88 22.21 8.28
CA LEU B 96 -24.78 23.27 7.93
C LEU B 96 -24.13 24.34 7.09
N ASP B 97 -22.79 24.44 7.18
CA ASP B 97 -22.01 25.37 6.35
C ASP B 97 -21.91 24.84 4.90
N PRO B 98 -22.62 25.49 3.94
CA PRO B 98 -22.53 24.94 2.57
C PRO B 98 -21.11 25.01 2.00
N ASP B 99 -20.29 25.90 2.55
CA ASP B 99 -18.90 26.11 2.11
C ASP B 99 -17.87 25.39 2.94
N TRP B 100 -18.34 24.53 3.82
CA TRP B 100 -17.42 23.82 4.66
C TRP B 100 -16.56 22.99 3.76
N LYS B 101 -15.25 22.97 4.04
CA LYS B 101 -14.28 22.19 3.24
C LYS B 101 -14.11 20.68 3.64
N GLY B 102 -14.83 20.19 4.66
CA GLY B 102 -14.77 18.76 5.02
C GLY B 102 -13.48 18.38 5.71
N PHE B 103 -13.31 17.08 5.94
CA PHE B 103 -12.15 16.56 6.64
C PHE B 103 -10.89 16.48 5.79
N ASP B 104 -11.05 16.71 4.51
CA ASP B 104 -9.88 16.61 3.62
C ASP B 104 -9.56 17.93 2.88
N GLY B 105 -10.28 19.01 3.21
CA GLY B 105 -10.12 20.29 2.54
C GLY B 105 -10.76 20.38 1.15
N GLN B 106 -11.29 19.26 0.68
CA GLN B 106 -11.84 19.13 -0.67
C GLN B 106 -13.36 19.32 -0.85
N GLY B 107 -14.08 19.68 0.20
CA GLY B 107 -15.51 19.97 0.05
C GLY B 107 -16.40 19.39 1.14
N ASN B 108 -17.69 19.68 1.05
CA ASN B 108 -18.65 19.20 2.02
C ASN B 108 -19.14 17.84 1.48
N TYR B 109 -20.09 17.25 2.18
CA TYR B 109 -20.56 15.92 1.87
C TYR B 109 -22.00 16.00 1.41
N ASP B 110 -22.25 15.53 0.20
CA ASP B 110 -23.59 15.63 -0.42
C ASP B 110 -24.53 14.56 0.16
N LEU B 111 -23.96 13.42 0.61
CA LEU B 111 -24.73 12.35 1.22
C LEU B 111 -24.14 12.05 2.59
N VAL B 112 -24.98 12.16 3.62
CA VAL B 112 -24.64 11.83 5.01
C VAL B 112 -25.42 10.60 5.50
N LEU B 113 -24.71 9.56 5.99
CA LEU B 113 -25.35 8.35 6.56
C LEU B 113 -24.97 8.28 8.04
N MET B 114 -25.93 7.94 8.88
CA MET B 114 -25.74 7.96 10.31
C MET B 114 -26.07 6.57 10.87
N LEU B 115 -25.15 6.07 11.68
CA LEU B 115 -25.25 4.77 12.28
C LEU B 115 -24.73 4.96 13.71
N GLY B 116 -25.37 4.35 14.68
CA GLY B 116 -24.79 4.23 16.01
C GLY B 116 -25.00 5.50 16.81
N SER B 117 -25.83 6.42 16.35
CA SER B 117 -25.89 7.65 17.14
C SER B 117 -26.76 7.42 18.42
N ILE B 118 -26.45 8.16 19.48
CA ILE B 118 -27.34 8.25 20.65
C ILE B 118 -28.62 8.83 20.08
N TYR B 119 -29.68 8.04 20.20
CA TYR B 119 -30.93 8.33 19.47
C TYR B 119 -31.34 9.81 19.47
N TYR B 120 -31.52 10.39 20.64
CA TYR B 120 -31.92 11.79 20.75
C TYR B 120 -31.00 12.77 20.00
N HIS B 121 -29.68 12.54 20.13
CA HIS B 121 -28.69 13.39 19.47
C HIS B 121 -28.64 13.24 17.96
N GLY B 122 -28.75 12.00 17.46
CA GLY B 122 -28.80 11.73 16.01
C GLY B 122 -30.06 12.39 15.45
N SER B 123 -31.17 12.23 16.17
CA SER B 123 -32.44 12.88 15.83
C SER B 123 -32.32 14.41 15.72
N GLN B 124 -31.62 15.03 16.66
CA GLN B 124 -31.39 16.48 16.67
C GLN B 124 -30.60 16.95 15.43
N MET B 125 -29.48 16.28 15.20
CA MET B 125 -28.60 16.52 14.06
C MET B 125 -29.39 16.36 12.76
N LEU B 126 -30.21 15.31 12.69
CA LEU B 126 -30.96 15.04 11.49
C LEU B 126 -31.96 16.19 11.23
N ALA B 127 -32.63 16.69 12.28
CA ALA B 127 -33.60 17.79 12.12
C ALA B 127 -32.92 19.07 11.63
N ALA B 128 -31.75 19.36 12.20
CA ALA B 128 -30.88 20.49 11.77
C ALA B 128 -30.53 20.41 10.31
N ILE B 129 -30.08 19.24 9.84
CA ILE B 129 -29.76 19.05 8.42
C ILE B 129 -31.03 19.12 7.57
N LYS B 130 -32.14 18.58 8.06
CA LYS B 130 -33.36 18.71 7.30
C LYS B 130 -33.79 20.19 7.18
N ASN B 131 -33.73 20.94 8.27
CA ASN B 131 -34.17 22.34 8.26
C ASN B 131 -33.29 23.35 7.54
N PHE B 132 -31.99 23.16 7.69
CA PHE B 132 -31.05 24.20 7.33
C PHE B 132 -29.99 23.74 6.32
N ALA B 133 -30.04 22.48 5.90
CA ALA B 133 -29.03 21.97 4.96
C ALA B 133 -29.62 21.13 3.78
N PRO B 134 -30.42 21.77 2.87
CA PRO B 134 -31.01 21.02 1.69
C PRO B 134 -29.98 20.56 0.65
N HIS B 135 -28.81 21.16 0.66
CA HIS B 135 -27.63 20.59 -0.02
C HIS B 135 -27.14 19.17 0.47
N ILE B 136 -27.75 18.60 1.49
CA ILE B 136 -27.37 17.28 2.02
C ILE B 136 -28.59 16.36 2.01
N ARG B 137 -28.42 15.17 1.46
CA ARG B 137 -29.35 14.06 1.67
C ARG B 137 -28.87 13.22 2.88
N ALA B 138 -29.74 13.05 3.89
CA ALA B 138 -29.40 12.38 5.14
C ALA B 138 -30.11 11.01 5.24
N LEU B 139 -29.32 9.97 5.47
CA LEU B 139 -29.79 8.59 5.60
C LEU B 139 -29.49 8.09 7.01
N ALA B 140 -30.50 7.55 7.65
CA ALA B 140 -30.38 6.90 8.97
C ALA B 140 -30.37 5.38 8.73
N ILE B 141 -29.23 4.78 9.03
CA ILE B 141 -29.00 3.36 8.79
C ILE B 141 -28.71 2.66 10.12
N ASP B 142 -29.59 2.93 11.09
CA ASP B 142 -29.60 2.35 12.41
C ASP B 142 -30.70 1.26 12.60
N ARG B 143 -30.69 0.59 13.75
CA ARG B 143 -31.71 -0.41 14.08
C ARG B 143 -32.97 0.25 14.68
N TYR B 144 -32.99 1.57 14.68
CA TYR B 144 -34.13 2.41 15.14
C TYR B 144 -34.53 3.30 13.99
N TYR B 145 -35.85 3.47 13.82
CA TYR B 145 -36.42 4.37 12.83
C TYR B 145 -36.21 5.82 13.23
N HIS B 146 -35.61 6.61 12.32
CA HIS B 146 -35.37 8.06 12.52
C HIS B 146 -36.27 8.87 11.59
N PRO B 147 -37.38 9.38 12.10
CA PRO B 147 -38.28 10.18 11.24
C PRO B 147 -37.67 11.42 10.57
N ASN B 148 -36.63 12.00 11.18
CA ASN B 148 -36.04 13.29 10.71
C ASN B 148 -35.10 13.17 9.54
N ALA B 149 -34.70 11.92 9.21
CA ALA B 149 -33.83 11.65 8.02
C ALA B 149 -34.66 11.79 6.75
N ASP B 150 -34.02 11.76 5.59
CA ASP B 150 -34.77 11.69 4.32
C ASP B 150 -35.24 10.27 4.12
N MET B 151 -34.40 9.31 4.51
CA MET B 151 -34.71 7.86 4.46
C MET B 151 -34.08 7.18 5.68
N SER B 152 -34.75 6.14 6.17
CA SER B 152 -34.40 5.41 7.39
C SER B 152 -34.73 3.92 7.31
N PHE B 153 -33.81 3.08 7.83
CA PHE B 153 -34.18 1.73 8.28
C PHE B 153 -35.33 1.80 9.35
N GLY B 154 -36.09 0.72 9.47
CA GLY B 154 -37.16 0.67 10.48
C GLY B 154 -36.64 0.32 11.85
N ASN B 155 -37.57 -0.05 12.74
CA ASN B 155 -37.17 -0.55 14.04
C ASN B 155 -36.84 -2.06 13.99
N LEU B 156 -35.57 -2.43 13.90
CA LEU B 156 -35.17 -3.86 13.80
C LEU B 156 -34.37 -4.36 15.00
N TRP B 157 -34.32 -3.53 16.03
CA TRP B 157 -33.58 -3.82 17.25
C TRP B 157 -34.03 -5.11 18.00
N LYS B 158 -35.28 -5.57 17.80
CA LYS B 158 -35.79 -6.81 18.43
C LYS B 158 -35.20 -8.06 17.82
N LYS B 159 -34.67 -7.93 16.62
CA LYS B 159 -33.98 -9.01 15.96
C LYS B 159 -32.74 -8.41 15.24
N GLU B 160 -31.65 -8.18 15.97
CA GLU B 160 -30.45 -7.45 15.45
C GLU B 160 -29.92 -8.07 14.15
N GLU B 161 -30.02 -9.40 14.00
CA GLU B 161 -29.56 -10.07 12.77
C GLU B 161 -30.25 -9.57 11.51
N ASP B 162 -31.51 -9.15 11.62
CA ASP B 162 -32.24 -8.53 10.53
C ASP B 162 -31.54 -7.23 10.09
N TYR B 163 -31.08 -6.46 11.09
CA TYR B 163 -30.33 -5.22 10.87
C TYR B 163 -28.92 -5.49 10.30
N LEU B 164 -28.18 -6.40 10.94
CA LEU B 164 -26.87 -6.81 10.43
C LEU B 164 -26.92 -7.27 8.96
N LYS B 165 -28.01 -7.97 8.58
CA LYS B 165 -28.19 -8.39 7.15
C LYS B 165 -28.25 -7.19 6.21
N LEU B 166 -29.07 -6.22 6.56
CA LEU B 166 -29.11 -4.92 5.84
C LEU B 166 -27.73 -4.24 5.66
N LEU B 167 -26.93 -4.20 6.73
CA LEU B 167 -25.55 -3.70 6.65
C LEU B 167 -24.71 -4.50 5.69
N ASP B 168 -24.88 -5.82 5.75
CA ASP B 168 -24.15 -6.75 4.90
C ASP B 168 -24.56 -6.57 3.43
N GLU B 169 -25.81 -6.17 3.21
CA GLU B 169 -26.33 -5.93 1.87
C GLU B 169 -25.78 -4.62 1.26
N ILE B 170 -25.56 -3.58 2.08
CA ILE B 170 -24.82 -2.37 1.69
C ILE B 170 -23.37 -2.74 1.36
N LEU B 171 -22.67 -3.33 2.32
CA LEU B 171 -21.28 -3.73 2.17
C LEU B 171 -20.97 -4.64 0.93
N ALA B 172 -21.79 -5.66 0.67
CA ALA B 172 -21.71 -6.50 -0.52
C ALA B 172 -21.70 -5.75 -1.89
N GLU B 173 -22.29 -4.57 -1.94
CA GLU B 173 -22.31 -3.73 -3.15
C GLU B 173 -21.22 -2.67 -3.12
N LEU B 174 -20.85 -2.26 -1.90
CA LEU B 174 -19.81 -1.27 -1.58
C LEU B 174 -20.36 0.11 -1.09
N MET C 18 5.76 -29.68 22.06
CA MET C 18 4.46 -28.99 21.67
C MET C 18 4.41 -27.44 21.49
N ALA C 19 3.81 -26.99 20.39
CA ALA C 19 3.63 -25.54 20.06
C ALA C 19 3.19 -24.69 21.27
N THR C 20 3.93 -23.63 21.55
CA THR C 20 3.54 -22.67 22.57
C THR C 20 2.20 -22.03 22.18
N LEU C 21 1.27 -21.91 23.14
CA LEU C 21 -0.02 -21.21 22.84
C LEU C 21 0.17 -19.70 22.61
N LEU C 22 -0.29 -19.20 21.44
CA LEU C 22 -0.39 -17.79 21.14
C LEU C 22 -1.79 -17.29 21.48
N GLU C 23 -1.91 -16.22 22.25
CA GLU C 23 -3.26 -15.68 22.60
C GLU C 23 -3.47 -14.25 22.16
N LYS C 24 -2.49 -13.75 21.41
CA LYS C 24 -2.51 -12.35 20.99
C LYS C 24 -1.86 -12.30 19.60
N GLY C 25 -2.27 -11.34 18.78
CA GLY C 25 -1.67 -11.19 17.49
C GLY C 25 -0.42 -10.32 17.48
N LYS C 26 -0.32 -9.33 18.37
CA LYS C 26 0.90 -8.48 18.43
C LYS C 26 2.26 -9.28 18.48
N PRO C 27 2.37 -10.31 19.39
CA PRO C 27 3.67 -11.07 19.34
C PRO C 27 4.00 -11.62 17.95
N VAL C 28 2.98 -12.07 17.20
CA VAL C 28 3.17 -12.55 15.82
C VAL C 28 3.68 -11.41 14.92
N ALA C 29 3.05 -10.21 14.97
CA ALA C 29 3.55 -9.05 14.20
C ALA C 29 5.00 -8.76 14.55
N ASN C 30 5.32 -8.78 15.85
CA ASN C 30 6.71 -8.57 16.30
C ASN C 30 7.72 -9.54 15.64
N MET C 31 7.38 -10.84 15.68
CA MET C 31 8.26 -11.86 15.09
C MET C 31 8.40 -11.65 13.58
N ILE C 32 7.27 -11.35 12.90
CA ILE C 32 7.31 -11.04 11.46
C ILE C 32 8.26 -9.88 11.15
N LYS C 33 8.14 -8.81 11.93
CA LYS C 33 9.03 -7.62 11.77
C LYS C 33 10.51 -7.89 12.09
N LYS C 34 10.79 -8.74 13.05
CA LYS C 34 12.17 -9.13 13.37
C LYS C 34 12.80 -10.21 12.43
N ALA C 35 11.98 -11.02 11.75
CA ALA C 35 12.47 -12.02 10.83
C ALA C 35 13.18 -11.34 9.68
N LYS C 36 14.24 -12.00 9.18
CA LYS C 36 15.00 -11.52 7.99
C LYS C 36 14.13 -11.69 6.72
N ARG C 37 13.46 -12.83 6.62
CA ARG C 37 12.73 -13.20 5.41
C ARG C 37 11.50 -14.04 5.81
N PRO C 38 10.46 -13.36 6.30
CA PRO C 38 9.26 -14.08 6.70
C PRO C 38 8.44 -14.59 5.49
N LEU C 39 7.81 -15.75 5.67
CA LEU C 39 7.01 -16.31 4.62
C LEU C 39 5.64 -16.66 5.20
N LEU C 40 4.57 -16.22 4.52
CA LEU C 40 3.24 -16.66 4.87
C LEU C 40 2.74 -17.73 3.88
N ILE C 41 2.41 -18.89 4.40
CA ILE C 41 1.99 -19.97 3.57
C ILE C 41 0.47 -20.04 3.71
N VAL C 42 -0.22 -19.89 2.58
CA VAL C 42 -1.70 -19.81 2.58
C VAL C 42 -2.32 -21.04 1.90
N GLY C 43 -2.98 -21.88 2.70
CA GLY C 43 -3.67 -23.06 2.20
C GLY C 43 -5.16 -22.82 1.88
N PRO C 44 -5.80 -23.86 1.31
CA PRO C 44 -7.17 -23.81 0.81
C PRO C 44 -8.28 -23.73 1.89
N ASP C 45 -7.94 -23.98 3.15
CA ASP C 45 -9.01 -24.02 4.19
C ASP C 45 -9.28 -22.57 4.77
N MET C 46 -9.65 -21.64 3.89
CA MET C 46 -9.93 -20.24 4.25
C MET C 46 -11.40 -19.98 4.08
N THR C 47 -12.02 -19.49 5.13
CA THR C 47 -13.36 -18.99 5.02
C THR C 47 -13.28 -17.66 4.27
N ASP C 48 -14.43 -17.12 3.88
CA ASP C 48 -14.49 -15.79 3.24
C ASP C 48 -13.88 -14.66 4.07
N GLU C 49 -14.23 -14.61 5.35
CA GLU C 49 -13.59 -13.65 6.25
C GLU C 49 -12.08 -13.84 6.43
N MET C 50 -11.57 -15.05 6.50
CA MET C 50 -10.15 -15.29 6.54
C MET C 50 -9.52 -14.70 5.27
N PHE C 51 -10.12 -14.93 4.12
CA PHE C 51 -9.52 -14.45 2.86
C PHE C 51 -9.42 -12.87 2.78
N GLU C 52 -10.37 -12.20 3.43
CA GLU C 52 -10.36 -10.72 3.62
C GLU C 52 -9.04 -10.34 4.32
N ARG C 53 -8.65 -11.12 5.35
CA ARG C 53 -7.41 -10.86 6.11
C ARG C 53 -6.19 -11.16 5.20
N VAL C 54 -6.26 -12.29 4.49
CA VAL C 54 -5.20 -12.65 3.58
C VAL C 54 -4.91 -11.58 2.51
N LYS C 55 -5.96 -10.98 1.96
CA LYS C 55 -5.80 -9.90 1.02
C LYS C 55 -5.00 -8.70 1.64
N LYS C 56 -5.20 -8.42 2.93
CA LYS C 56 -4.44 -7.42 3.61
C LYS C 56 -2.96 -7.79 3.85
N PHE C 57 -2.69 -9.00 4.33
CA PHE C 57 -1.35 -9.60 4.34
C PHE C 57 -0.51 -9.41 3.07
N VAL C 58 -1.12 -9.72 1.92
CA VAL C 58 -0.42 -9.57 0.65
C VAL C 58 0.12 -8.14 0.48
N GLU C 59 -0.57 -7.12 1.00
CA GLU C 59 -0.08 -5.74 0.90
C GLU C 59 1.03 -5.42 1.93
N LYS C 60 1.37 -6.36 2.85
CA LYS C 60 2.41 -6.11 3.84
C LYS C 60 3.79 -6.56 3.37
N ASP C 61 4.83 -6.16 4.13
CA ASP C 61 6.20 -6.57 3.94
C ASP C 61 6.46 -8.04 4.40
N ILE C 62 5.85 -8.98 3.66
CA ILE C 62 5.90 -10.43 3.93
C ILE C 62 5.83 -11.16 2.57
N THR C 63 6.54 -12.28 2.39
CA THR C 63 6.39 -13.05 1.16
C THR C 63 5.20 -14.01 1.35
N VAL C 64 4.33 -14.12 0.34
CA VAL C 64 3.13 -14.95 0.44
C VAL C 64 3.18 -16.02 -0.64
N VAL C 65 2.96 -17.26 -0.20
CA VAL C 65 2.80 -18.40 -1.13
C VAL C 65 1.43 -19.08 -0.92
N ALA C 66 0.70 -19.27 -2.02
CA ALA C 66 -0.57 -20.01 -2.00
C ALA C 66 -0.28 -21.48 -2.36
N THR C 67 -0.89 -22.42 -1.62
CA THR C 67 -0.65 -23.86 -1.91
C THR C 67 -1.84 -24.51 -2.58
N GLY C 68 -1.53 -25.33 -3.60
CA GLY C 68 -2.53 -26.11 -4.25
C GLY C 68 -3.74 -25.27 -4.61
N SER C 69 -4.91 -25.73 -4.21
CA SER C 69 -6.17 -25.06 -4.58
C SER C 69 -6.33 -23.64 -4.03
N ALA C 70 -5.53 -23.23 -3.05
CA ALA C 70 -5.59 -21.82 -2.56
C ALA C 70 -5.24 -20.79 -3.61
N ILE C 71 -4.42 -21.18 -4.58
CA ILE C 71 -4.08 -20.28 -5.68
C ILE C 71 -5.35 -19.73 -6.42
N THR C 72 -6.36 -20.59 -6.59
CA THR C 72 -7.70 -20.31 -7.16
C THR C 72 -8.38 -19.11 -6.50
N ARG C 73 -8.27 -19.05 -5.18
CA ARG C 73 -8.81 -17.94 -4.42
C ARG C 73 -8.20 -16.63 -4.92
N PHE C 74 -6.87 -16.58 -5.05
CA PHE C 74 -6.17 -15.38 -5.54
C PHE C 74 -6.50 -15.02 -6.95
N ILE C 75 -6.43 -16.02 -7.86
CA ILE C 75 -6.76 -15.84 -9.30
C ILE C 75 -8.20 -15.29 -9.43
N ASP C 76 -9.17 -15.93 -8.76
CA ASP C 76 -10.55 -15.49 -8.77
C ASP C 76 -10.73 -14.02 -8.33
N ALA C 77 -9.88 -13.60 -7.40
CA ALA C 77 -9.86 -12.22 -6.86
C ALA C 77 -9.09 -11.19 -7.73
N GLY C 78 -8.43 -11.64 -8.79
CA GLY C 78 -7.56 -10.78 -9.61
C GLY C 78 -6.23 -10.54 -8.90
N LEU C 79 -5.84 -11.43 -7.97
CA LEU C 79 -4.60 -11.24 -7.15
C LEU C 79 -3.51 -12.25 -7.39
N GLY C 80 -3.65 -13.03 -8.44
CA GLY C 80 -2.70 -14.06 -8.74
C GLY C 80 -1.28 -13.60 -8.86
N GLU C 81 -1.11 -12.39 -9.44
CA GLU C 81 0.20 -11.86 -9.79
C GLU C 81 0.91 -11.32 -8.56
N LYS C 82 0.26 -11.35 -7.41
CA LYS C 82 0.84 -10.76 -6.20
C LYS C 82 1.39 -11.80 -5.22
N VAL C 83 1.20 -13.09 -5.51
CA VAL C 83 1.63 -14.18 -4.67
C VAL C 83 2.42 -15.24 -5.45
N ASN C 84 3.12 -16.00 -4.67
CA ASN C 84 3.79 -17.16 -5.17
C ASN C 84 2.87 -18.35 -5.08
N TYR C 85 3.22 -19.41 -5.82
CA TYR C 85 2.46 -20.67 -5.85
C TYR C 85 3.41 -21.83 -5.62
N ALA C 86 2.98 -22.78 -4.79
CA ALA C 86 3.71 -24.10 -4.64
C ALA C 86 2.79 -25.29 -4.40
N VAL C 87 3.29 -26.49 -4.67
CA VAL C 87 2.56 -27.66 -4.27
C VAL C 87 3.17 -28.09 -2.96
N LEU C 88 2.35 -28.67 -2.10
CA LEU C 88 2.76 -28.99 -0.74
C LEU C 88 4.06 -29.73 -0.58
N HIS C 89 4.25 -30.86 -1.27
CA HIS C 89 5.48 -31.69 -1.09
C HIS C 89 6.71 -30.95 -1.59
N GLU C 90 6.54 -30.22 -2.69
CA GLU C 90 7.64 -29.42 -3.21
C GLU C 90 8.02 -28.26 -2.26
N LEU C 91 7.03 -27.56 -1.73
CA LEU C 91 7.31 -26.45 -0.83
C LEU C 91 8.01 -26.99 0.41
N THR C 92 7.58 -28.16 0.93
CA THR C 92 8.24 -28.76 2.10
C THR C 92 9.71 -29.09 1.80
N GLN C 93 9.96 -29.75 0.66
CA GLN C 93 11.32 -30.01 0.19
C GLN C 93 12.20 -28.75 0.12
N PHE C 94 11.69 -27.69 -0.52
CA PHE C 94 12.40 -26.42 -0.65
C PHE C 94 12.82 -25.90 0.75
N LEU C 95 11.84 -25.76 1.65
CA LEU C 95 12.03 -25.27 3.00
C LEU C 95 13.06 -26.08 3.78
N LEU C 96 12.95 -27.41 3.68
CA LEU C 96 13.89 -28.33 4.34
C LEU C 96 15.36 -28.20 3.90
N ASP C 97 15.58 -27.70 2.69
CA ASP C 97 16.90 -27.57 2.10
C ASP C 97 17.54 -26.25 2.61
N PRO C 98 18.58 -26.33 3.49
CA PRO C 98 19.04 -25.07 4.12
C PRO C 98 19.62 -24.09 3.08
N ASP C 99 20.07 -24.64 1.95
CA ASP C 99 20.65 -23.96 0.80
C ASP C 99 19.67 -23.44 -0.24
N TRP C 100 18.38 -23.68 -0.02
CA TRP C 100 17.41 -23.21 -0.99
C TRP C 100 17.38 -21.67 -0.99
N LYS C 101 17.28 -21.09 -2.18
CA LYS C 101 17.39 -19.64 -2.30
C LYS C 101 16.02 -18.96 -2.52
N GLY C 102 14.97 -19.73 -2.24
CA GLY C 102 13.60 -19.20 -2.13
C GLY C 102 12.96 -18.81 -3.47
N PHE C 103 11.83 -18.12 -3.40
CA PHE C 103 11.12 -17.70 -4.59
C PHE C 103 11.91 -16.63 -5.38
N ASP C 104 12.58 -15.73 -4.66
CA ASP C 104 13.24 -14.58 -5.28
C ASP C 104 14.76 -14.82 -5.54
N GLY C 105 15.24 -16.05 -5.32
CA GLY C 105 16.69 -16.41 -5.53
C GLY C 105 17.59 -15.82 -4.47
N GLN C 106 17.02 -15.21 -3.43
CA GLN C 106 17.77 -14.47 -2.44
C GLN C 106 17.92 -15.13 -1.07
N GLY C 107 17.35 -16.30 -0.89
CA GLY C 107 17.56 -17.04 0.37
C GLY C 107 16.32 -17.80 0.85
N ASN C 108 16.53 -18.60 1.90
CA ASN C 108 15.45 -19.36 2.48
C ASN C 108 14.70 -18.38 3.45
N TYR C 109 13.68 -18.90 4.11
CA TYR C 109 12.79 -18.06 4.93
C TYR C 109 13.01 -18.52 6.39
N ASP C 110 13.32 -17.57 7.26
CA ASP C 110 13.68 -17.87 8.65
C ASP C 110 12.45 -18.03 9.56
N LEU C 111 11.38 -17.36 9.18
CA LEU C 111 10.10 -17.52 9.89
C LEU C 111 9.04 -17.87 8.85
N VAL C 112 8.32 -18.93 9.17
CA VAL C 112 7.22 -19.39 8.33
C VAL C 112 5.92 -19.33 9.14
N LEU C 113 4.86 -18.84 8.50
CA LEU C 113 3.56 -18.74 9.14
C LEU C 113 2.57 -19.52 8.25
N MET C 114 1.69 -20.31 8.85
CA MET C 114 0.79 -21.17 8.08
C MET C 114 -0.62 -20.79 8.45
N LEU C 115 -1.41 -20.50 7.41
CA LEU C 115 -2.78 -20.07 7.57
C LEU C 115 -3.60 -20.81 6.53
N GLY C 116 -4.81 -21.25 6.87
CA GLY C 116 -5.69 -21.95 5.93
C GLY C 116 -5.17 -23.33 5.55
N SER C 117 -4.30 -23.92 6.36
CA SER C 117 -3.82 -25.29 6.10
C SER C 117 -4.94 -26.34 6.15
N ILE C 118 -4.96 -27.30 5.22
CA ILE C 118 -5.77 -28.49 5.44
C ILE C 118 -5.09 -29.14 6.63
N TYR C 119 -5.85 -29.37 7.71
CA TYR C 119 -5.26 -29.63 9.00
C TYR C 119 -4.19 -30.72 8.96
N TYR C 120 -4.54 -31.87 8.41
CA TYR C 120 -3.63 -32.99 8.34
C TYR C 120 -2.32 -32.69 7.61
N HIS C 121 -2.42 -32.09 6.42
CA HIS C 121 -1.29 -31.66 5.62
C HIS C 121 -0.47 -30.59 6.29
N GLY C 122 -1.15 -29.57 6.84
CA GLY C 122 -0.51 -28.56 7.66
C GLY C 122 0.32 -29.17 8.80
N SER C 123 -0.28 -30.12 9.51
CA SER C 123 0.35 -30.81 10.61
C SER C 123 1.64 -31.62 10.19
N GLN C 124 1.54 -32.34 9.05
CA GLN C 124 2.65 -33.16 8.54
C GLN C 124 3.79 -32.28 8.09
N MET C 125 3.43 -31.19 7.45
CA MET C 125 4.43 -30.21 7.01
C MET C 125 5.16 -29.58 8.19
N LEU C 126 4.41 -29.20 9.21
CA LEU C 126 4.95 -28.68 10.48
C LEU C 126 5.89 -29.71 11.17
N ALA C 127 5.51 -30.98 11.20
CA ALA C 127 6.35 -32.05 11.77
C ALA C 127 7.68 -32.13 11.01
N ALA C 128 7.62 -32.11 9.68
CA ALA C 128 8.82 -32.14 8.85
C ALA C 128 9.77 -30.95 9.15
N ILE C 129 9.21 -29.74 9.29
CA ILE C 129 9.99 -28.52 9.55
C ILE C 129 10.62 -28.61 10.95
N LYS C 130 9.83 -29.08 11.90
CA LYS C 130 10.29 -29.28 13.27
C LYS C 130 11.43 -30.35 13.32
N ASN C 131 11.25 -31.49 12.63
CA ASN C 131 12.26 -32.56 12.59
C ASN C 131 13.56 -32.22 11.85
N PHE C 132 13.40 -31.54 10.71
CA PHE C 132 14.44 -31.53 9.68
C PHE C 132 14.92 -30.15 9.26
N ALA C 133 14.22 -29.10 9.72
CA ALA C 133 14.63 -27.73 9.37
C ALA C 133 14.84 -26.85 10.60
N PRO C 134 15.94 -27.07 11.35
CA PRO C 134 16.28 -26.12 12.45
C PRO C 134 16.52 -24.66 12.00
N HIS C 135 16.85 -24.44 10.72
CA HIS C 135 16.94 -23.07 10.11
C HIS C 135 15.57 -22.36 10.02
N ILE C 136 14.50 -22.97 10.52
CA ILE C 136 13.18 -22.40 10.36
C ILE C 136 12.39 -22.31 11.67
N ARG C 137 11.81 -21.17 11.94
CA ARG C 137 10.86 -21.10 13.04
C ARG C 137 9.47 -21.05 12.39
N ALA C 138 8.54 -21.87 12.88
CA ALA C 138 7.20 -22.07 12.27
C ALA C 138 6.08 -21.67 13.23
N LEU C 139 5.30 -20.70 12.79
CA LEU C 139 4.03 -20.26 13.52
C LEU C 139 2.75 -20.76 12.79
N ALA C 140 1.84 -21.43 13.52
CA ALA C 140 0.48 -21.80 12.99
C ALA C 140 -0.55 -20.74 13.49
N ILE C 141 -1.12 -20.02 12.54
CA ILE C 141 -2.08 -18.91 12.86
C ILE C 141 -3.44 -19.24 12.25
N ASP C 142 -3.94 -20.41 12.62
CA ASP C 142 -5.19 -20.99 12.14
C ASP C 142 -6.20 -21.09 13.34
N ARG C 143 -7.43 -21.48 13.03
CA ARG C 143 -8.51 -21.65 14.03
C ARG C 143 -8.50 -23.01 14.75
N TYR C 144 -7.48 -23.80 14.46
CA TYR C 144 -7.18 -25.07 15.12
C TYR C 144 -5.76 -25.04 15.68
N TYR C 145 -5.63 -25.57 16.89
CA TYR C 145 -4.31 -25.85 17.46
C TYR C 145 -3.45 -26.85 16.71
N HIS C 146 -2.25 -26.40 16.34
CA HIS C 146 -1.27 -27.27 15.69
C HIS C 146 -0.10 -27.50 16.65
N PRO C 147 -0.06 -28.67 17.34
CA PRO C 147 1.02 -28.99 18.28
C PRO C 147 2.41 -29.02 17.62
N ASN C 148 2.49 -29.31 16.32
CA ASN C 148 3.78 -29.45 15.63
C ASN C 148 4.48 -28.14 15.26
N ALA C 149 3.77 -27.02 15.38
CA ALA C 149 4.37 -25.68 15.20
C ALA C 149 5.33 -25.32 16.38
N ASP C 150 6.12 -24.25 16.25
CA ASP C 150 6.86 -23.68 17.39
C ASP C 150 5.87 -22.90 18.29
N MET C 151 4.94 -22.19 17.68
CA MET C 151 3.86 -21.54 18.39
C MET C 151 2.65 -21.68 17.55
N SER C 152 1.48 -21.67 18.16
CA SER C 152 0.21 -21.85 17.44
C SER C 152 -0.94 -21.09 18.16
N PHE C 153 -1.89 -20.53 17.41
CA PHE C 153 -3.21 -20.15 18.00
C PHE C 153 -3.84 -21.46 18.59
N GLY C 154 -4.82 -21.31 19.49
CA GLY C 154 -5.56 -22.43 20.01
C GLY C 154 -6.72 -22.84 19.13
N ASN C 155 -7.54 -23.72 19.71
CA ASN C 155 -8.78 -24.14 19.06
C ASN C 155 -9.83 -23.03 19.20
N LEU C 156 -9.97 -22.25 18.14
CA LEU C 156 -10.85 -21.12 18.13
C LEU C 156 -12.02 -21.32 17.14
N TRP C 157 -12.11 -22.49 16.50
CA TRP C 157 -13.10 -22.69 15.40
C TRP C 157 -14.55 -22.56 15.85
N LYS C 158 -14.82 -22.74 17.15
CA LYS C 158 -16.19 -22.68 17.64
C LYS C 158 -16.73 -21.27 17.65
N LYS C 159 -15.83 -20.28 17.50
CA LYS C 159 -16.20 -18.85 17.45
C LYS C 159 -15.18 -18.13 16.59
N GLU C 160 -15.38 -18.26 15.29
CA GLU C 160 -14.47 -17.79 14.25
C GLU C 160 -14.08 -16.31 14.42
N GLU C 161 -15.06 -15.47 14.83
CA GLU C 161 -14.84 -14.05 15.17
C GLU C 161 -13.63 -13.78 16.14
N ASP C 162 -13.39 -14.69 17.08
CA ASP C 162 -12.27 -14.58 18.04
C ASP C 162 -10.98 -14.80 17.26
N TYR C 163 -11.02 -15.76 16.32
CA TYR C 163 -9.86 -16.04 15.51
C TYR C 163 -9.58 -14.83 14.61
N LEU C 164 -10.64 -14.38 13.92
CA LEU C 164 -10.59 -13.19 13.05
C LEU C 164 -9.97 -11.99 13.79
N LYS C 165 -10.35 -11.80 15.05
CA LYS C 165 -9.79 -10.72 15.88
C LYS C 165 -8.27 -10.84 16.05
N LEU C 166 -7.77 -12.04 16.39
CA LEU C 166 -6.33 -12.31 16.43
C LEU C 166 -5.64 -11.93 15.12
N LEU C 167 -6.18 -12.33 13.97
CA LEU C 167 -5.59 -11.96 12.66
C LEU C 167 -5.52 -10.41 12.52
N ASP C 168 -6.60 -9.75 12.87
CA ASP C 168 -6.71 -8.27 12.92
C ASP C 168 -5.67 -7.68 13.86
N GLU C 169 -5.43 -8.31 15.01
CA GLU C 169 -4.36 -7.85 15.90
C GLU C 169 -3.01 -7.85 15.24
N ILE C 170 -2.72 -8.91 14.46
CA ILE C 170 -1.42 -9.05 13.78
C ILE C 170 -1.33 -7.86 12.77
N LEU C 171 -2.36 -7.78 11.93
CA LEU C 171 -2.43 -6.78 10.84
C LEU C 171 -2.31 -5.30 11.30
N ALA C 172 -2.90 -5.01 12.46
CA ALA C 172 -2.89 -3.66 13.03
C ALA C 172 -1.45 -3.27 13.41
N GLU C 173 -0.63 -4.24 13.79
CA GLU C 173 0.82 -4.03 14.07
C GLU C 173 1.73 -4.18 12.83
N LEU C 174 1.16 -4.69 11.73
CA LEU C 174 1.84 -5.13 10.46
C LEU C 174 2.32 -6.64 10.33
N LYS D 17 18.17 -14.10 -40.24
CA LYS D 17 18.47 -14.70 -38.91
C LYS D 17 18.69 -13.67 -37.79
N MET D 18 19.23 -12.48 -38.07
CA MET D 18 19.59 -11.56 -36.96
C MET D 18 18.52 -10.56 -36.46
N ALA D 19 18.64 -10.08 -35.21
CA ALA D 19 17.60 -9.25 -34.54
C ALA D 19 17.09 -8.07 -35.39
N THR D 20 15.77 -7.95 -35.50
CA THR D 20 15.14 -6.77 -36.13
C THR D 20 15.53 -5.55 -35.30
N LEU D 21 15.89 -4.45 -35.94
CA LEU D 21 16.25 -3.21 -35.22
C LEU D 21 15.00 -2.48 -34.67
N LEU D 22 15.01 -2.18 -33.36
CA LEU D 22 14.01 -1.36 -32.71
C LEU D 22 14.56 0.06 -32.64
N GLU D 23 13.80 1.02 -33.14
CA GLU D 23 14.26 2.42 -33.13
C GLU D 23 13.44 3.33 -32.24
N LYS D 24 12.41 2.73 -31.63
CA LYS D 24 11.44 3.44 -30.78
C LYS D 24 11.21 2.64 -29.51
N GLY D 25 10.89 3.32 -28.42
CA GLY D 25 10.49 2.62 -27.19
C GLY D 25 9.04 2.09 -27.21
N LYS D 26 8.15 2.76 -27.96
CA LYS D 26 6.71 2.42 -27.93
C LYS D 26 6.43 0.96 -28.29
N PRO D 27 7.05 0.40 -29.40
CA PRO D 27 6.86 -1.07 -29.70
C PRO D 27 7.23 -2.04 -28.56
N VAL D 28 8.29 -1.72 -27.82
CA VAL D 28 8.67 -2.48 -26.63
C VAL D 28 7.59 -2.44 -25.53
N ALA D 29 7.10 -1.23 -25.19
CA ALA D 29 6.01 -1.10 -24.24
C ALA D 29 4.80 -1.90 -24.71
N ASN D 30 4.40 -1.82 -26.00
CA ASN D 30 3.24 -2.61 -26.50
C ASN D 30 3.45 -4.13 -26.32
N MET D 31 4.65 -4.58 -26.64
CA MET D 31 5.00 -5.99 -26.44
C MET D 31 4.92 -6.39 -24.96
N ILE D 32 5.42 -5.51 -24.10
CA ILE D 32 5.36 -5.75 -22.66
C ILE D 32 3.92 -5.91 -22.21
N LYS D 33 3.03 -5.03 -22.67
CA LYS D 33 1.60 -5.02 -22.25
C LYS D 33 0.87 -6.21 -22.76
N LYS D 34 1.25 -6.72 -23.93
CA LYS D 34 0.67 -7.86 -24.60
C LYS D 34 1.07 -9.24 -24.03
N ALA D 35 2.27 -9.29 -23.46
CA ALA D 35 2.86 -10.51 -22.95
C ALA D 35 2.14 -10.90 -21.65
N LYS D 36 1.94 -12.21 -21.49
CA LYS D 36 1.27 -12.70 -20.29
C LYS D 36 2.18 -12.58 -19.07
N ARG D 37 3.46 -12.84 -19.26
CA ARG D 37 4.42 -12.85 -18.16
C ARG D 37 5.76 -12.28 -18.69
N PRO D 38 5.88 -10.93 -18.83
CA PRO D 38 7.16 -10.36 -19.30
C PRO D 38 8.22 -10.40 -18.18
N LEU D 39 9.50 -10.62 -18.54
CA LEU D 39 10.60 -10.70 -17.58
C LEU D 39 11.66 -9.72 -18.12
N LEU D 40 11.98 -8.73 -17.28
CA LEU D 40 13.20 -7.90 -17.44
C LEU D 40 14.41 -8.47 -16.66
N ILE D 41 15.43 -8.82 -17.40
CA ILE D 41 16.69 -9.29 -16.88
C ILE D 41 17.69 -8.16 -16.85
N VAL D 42 18.12 -7.81 -15.66
CA VAL D 42 19.00 -6.68 -15.43
C VAL D 42 20.39 -7.09 -14.99
N GLY D 43 21.37 -6.82 -15.87
CA GLY D 43 22.75 -7.23 -15.62
C GLY D 43 23.62 -6.09 -15.10
N PRO D 44 24.94 -6.40 -14.75
CA PRO D 44 25.87 -5.42 -14.14
C PRO D 44 26.31 -4.20 -15.00
N ASP D 45 26.08 -4.22 -16.31
CA ASP D 45 26.61 -3.19 -17.21
C ASP D 45 25.58 -2.02 -17.38
N MET D 46 25.35 -1.33 -16.27
CA MET D 46 24.39 -0.26 -16.21
C MET D 46 25.13 0.97 -15.75
N THR D 47 24.95 2.05 -16.48
CA THR D 47 25.36 3.36 -16.02
C THR D 47 24.39 3.86 -14.93
N ASP D 48 24.81 4.90 -14.19
CA ASP D 48 23.95 5.58 -13.22
C ASP D 48 22.57 6.00 -13.80
N GLU D 49 22.61 6.66 -14.95
CA GLU D 49 21.41 7.07 -15.69
C GLU D 49 20.47 5.90 -16.08
N MET D 50 21.02 4.79 -16.62
CA MET D 50 20.31 3.56 -16.89
C MET D 50 19.71 3.00 -15.64
N PHE D 51 20.45 3.02 -14.54
CA PHE D 51 19.87 2.49 -13.31
C PHE D 51 18.60 3.29 -12.84
N GLU D 52 18.57 4.58 -13.11
CA GLU D 52 17.37 5.40 -12.78
C GLU D 52 16.11 4.90 -13.51
N ARG D 53 16.25 4.57 -14.80
CA ARG D 53 15.20 3.91 -15.59
C ARG D 53 14.78 2.52 -15.07
N VAL D 54 15.80 1.73 -14.73
CA VAL D 54 15.60 0.36 -14.23
C VAL D 54 14.78 0.42 -12.93
N LYS D 55 15.05 1.40 -12.08
CA LYS D 55 14.27 1.58 -10.90
C LYS D 55 12.79 1.80 -11.17
N LYS D 56 12.49 2.63 -12.16
CA LYS D 56 11.11 2.84 -12.61
C LYS D 56 10.48 1.58 -13.16
N PHE D 57 11.20 0.76 -13.94
CA PHE D 57 10.70 -0.54 -14.39
C PHE D 57 10.19 -1.45 -13.25
N VAL D 58 10.86 -1.42 -12.10
CA VAL D 58 10.47 -2.22 -10.94
C VAL D 58 9.03 -1.84 -10.47
N GLU D 59 8.60 -0.60 -10.69
CA GLU D 59 7.24 -0.19 -10.31
C GLU D 59 6.16 -0.56 -11.38
N LYS D 60 6.58 -1.06 -12.53
CA LYS D 60 5.63 -1.38 -13.61
C LYS D 60 5.16 -2.83 -13.43
N ASP D 61 4.17 -3.24 -14.22
CA ASP D 61 3.69 -4.62 -14.19
C ASP D 61 4.59 -5.56 -15.05
N ILE D 62 5.73 -5.91 -14.45
CA ILE D 62 6.78 -6.74 -15.09
C ILE D 62 7.62 -7.37 -13.97
N THR D 63 8.07 -8.60 -14.18
CA THR D 63 8.92 -9.27 -13.21
C THR D 63 10.34 -8.84 -13.51
N VAL D 64 11.09 -8.49 -12.49
CA VAL D 64 12.51 -8.07 -12.68
C VAL D 64 13.43 -9.05 -11.94
N VAL D 65 14.50 -9.44 -12.64
CA VAL D 65 15.60 -10.25 -12.08
C VAL D 65 16.94 -9.57 -12.34
N ALA D 66 17.66 -9.32 -11.25
CA ALA D 66 19.06 -8.85 -11.28
C ALA D 66 20.03 -10.05 -11.30
N THR D 67 21.07 -9.93 -12.09
CA THR D 67 22.10 -10.93 -12.24
C THR D 67 23.46 -10.31 -11.76
N GLY D 68 24.33 -11.07 -11.10
CA GLY D 68 25.60 -10.49 -10.61
C GLY D 68 25.46 -9.27 -9.72
N SER D 69 26.30 -8.28 -10.00
CA SER D 69 26.47 -7.02 -9.22
C SER D 69 25.31 -6.09 -9.38
N ALA D 70 24.45 -6.38 -10.35
CA ALA D 70 23.19 -5.64 -10.46
C ALA D 70 22.44 -5.70 -9.15
N ILE D 71 22.44 -6.86 -8.48
CA ILE D 71 21.64 -7.03 -7.25
C ILE D 71 22.13 -6.11 -6.12
N THR D 72 23.45 -5.84 -6.06
CA THR D 72 24.05 -4.92 -5.06
C THR D 72 23.48 -3.50 -5.14
N ARG D 73 23.26 -3.06 -6.37
CA ARG D 73 22.65 -1.75 -6.61
C ARG D 73 21.20 -1.65 -6.20
N PHE D 74 20.44 -2.71 -6.47
CA PHE D 74 19.03 -2.76 -6.06
C PHE D 74 18.99 -2.76 -4.55
N ILE D 75 19.86 -3.52 -3.91
CA ILE D 75 19.88 -3.55 -2.42
C ILE D 75 20.17 -2.17 -1.80
N ASP D 76 21.23 -1.53 -2.33
CA ASP D 76 21.61 -0.18 -1.97
C ASP D 76 20.46 0.81 -2.17
N ALA D 77 19.69 0.63 -3.26
CA ALA D 77 18.52 1.47 -3.55
C ALA D 77 17.30 1.24 -2.63
N GLY D 78 17.39 0.27 -1.73
CA GLY D 78 16.27 -0.22 -0.90
C GLY D 78 15.22 -1.02 -1.68
N LEU D 79 15.63 -1.63 -2.81
CA LEU D 79 14.69 -2.42 -3.65
C LEU D 79 15.02 -3.91 -3.72
N GLY D 80 15.88 -4.40 -2.83
CA GLY D 80 16.24 -5.83 -2.81
C GLY D 80 15.04 -6.77 -2.70
N GLU D 81 14.01 -6.39 -1.93
CA GLU D 81 12.81 -7.20 -1.76
C GLU D 81 11.75 -6.95 -2.85
N LYS D 82 12.11 -6.24 -3.91
CA LYS D 82 11.17 -5.99 -4.99
C LYS D 82 11.63 -6.68 -6.27
N VAL D 83 12.81 -7.31 -6.24
CA VAL D 83 13.42 -7.93 -7.44
C VAL D 83 13.94 -9.35 -7.13
N ASN D 84 14.08 -10.13 -8.19
CA ASN D 84 14.56 -11.50 -8.10
C ASN D 84 16.04 -11.47 -8.34
N TYR D 85 16.74 -12.54 -7.99
CA TYR D 85 18.17 -12.61 -8.23
C TYR D 85 18.45 -13.93 -8.96
N ALA D 86 19.42 -13.93 -9.89
CA ALA D 86 19.87 -15.19 -10.45
C ALA D 86 21.27 -15.04 -11.00
N VAL D 87 21.91 -16.20 -11.19
CA VAL D 87 23.15 -16.29 -11.94
C VAL D 87 22.73 -16.52 -13.40
N LEU D 88 23.23 -15.68 -14.30
CA LEU D 88 22.75 -15.67 -15.68
C LEU D 88 22.75 -17.06 -16.37
N HIS D 89 23.82 -17.83 -16.19
CA HIS D 89 23.84 -19.14 -16.83
C HIS D 89 22.76 -20.11 -16.30
N GLU D 90 22.55 -20.08 -14.98
CA GLU D 90 21.43 -20.83 -14.33
C GLU D 90 20.07 -20.34 -14.89
N LEU D 91 19.90 -19.00 -14.98
CA LEU D 91 18.72 -18.41 -15.51
C LEU D 91 18.43 -18.90 -16.93
N THR D 92 19.48 -19.02 -17.76
CA THR D 92 19.33 -19.48 -19.13
C THR D 92 18.75 -20.91 -19.15
N GLN D 93 19.40 -21.79 -18.40
CA GLN D 93 18.94 -23.17 -18.18
C GLN D 93 17.47 -23.27 -17.76
N PHE D 94 17.04 -22.38 -16.85
CA PHE D 94 15.67 -22.38 -16.34
C PHE D 94 14.71 -21.98 -17.49
N LEU D 95 15.03 -20.87 -18.14
CA LEU D 95 14.24 -20.34 -19.26
C LEU D 95 14.03 -21.39 -20.37
N LEU D 96 15.08 -22.19 -20.65
CA LEU D 96 15.06 -23.24 -21.70
C LEU D 96 14.10 -24.36 -21.39
N ASP D 97 13.77 -24.54 -20.10
CA ASP D 97 12.78 -25.55 -19.70
C ASP D 97 11.35 -25.02 -19.97
N PRO D 98 10.65 -25.56 -21.00
CA PRO D 98 9.36 -24.87 -21.29
C PRO D 98 8.38 -24.93 -20.09
N ASP D 99 8.60 -25.95 -19.23
CA ASP D 99 7.88 -26.19 -17.96
C ASP D 99 8.45 -25.54 -16.69
N TRP D 100 9.43 -24.66 -16.81
CA TRP D 100 9.88 -23.92 -15.61
C TRP D 100 8.76 -23.08 -15.05
N LYS D 101 8.67 -23.12 -13.71
CA LYS D 101 7.58 -22.46 -13.01
C LYS D 101 7.95 -21.03 -12.58
N GLY D 102 9.17 -20.58 -12.94
CA GLY D 102 9.58 -19.16 -12.84
C GLY D 102 9.83 -18.78 -11.39
N PHE D 103 9.96 -17.48 -11.13
CA PHE D 103 10.24 -16.99 -9.78
C PHE D 103 9.03 -16.99 -8.85
N ASP D 104 7.82 -17.17 -9.39
CA ASP D 104 6.65 -17.14 -8.50
C ASP D 104 5.93 -18.48 -8.43
N GLY D 105 6.46 -19.49 -9.12
CA GLY D 105 5.87 -20.81 -9.17
C GLY D 105 4.74 -20.93 -10.18
N GLN D 106 4.41 -19.84 -10.88
CA GLN D 106 3.24 -19.84 -11.76
C GLN D 106 3.52 -19.90 -13.25
N GLY D 107 4.78 -20.12 -13.61
CA GLY D 107 5.13 -20.48 -14.96
C GLY D 107 6.34 -19.78 -15.53
N ASN D 108 6.62 -20.09 -16.79
CA ASN D 108 7.73 -19.48 -17.50
C ASN D 108 7.32 -18.08 -18.05
N TYR D 109 8.25 -17.44 -18.72
CA TYR D 109 8.09 -16.05 -19.19
C TYR D 109 8.08 -16.05 -20.70
N ASP D 110 7.00 -15.49 -21.25
CA ASP D 110 6.77 -15.48 -22.70
C ASP D 110 7.57 -14.42 -23.44
N LEU D 111 7.89 -13.34 -22.73
CA LEU D 111 8.65 -12.22 -23.28
C LEU D 111 9.79 -12.00 -22.31
N VAL D 112 10.99 -12.15 -22.80
CA VAL D 112 12.21 -11.80 -22.03
C VAL D 112 12.89 -10.51 -22.57
N LEU D 113 13.19 -9.52 -21.68
CA LEU D 113 13.92 -8.32 -22.07
C LEU D 113 15.25 -8.29 -21.32
N MET D 114 16.30 -7.93 -22.03
CA MET D 114 17.62 -7.94 -21.45
C MET D 114 18.20 -6.53 -21.52
N LEU D 115 18.67 -6.09 -20.36
CA LEU D 115 19.23 -4.77 -20.16
C LEU D 115 20.47 -4.92 -19.25
N GLY D 116 21.57 -4.25 -19.60
CA GLY D 116 22.81 -4.22 -18.74
C GLY D 116 23.62 -5.50 -18.77
N SER D 117 23.33 -6.39 -19.70
CA SER D 117 24.14 -7.61 -19.68
C SER D 117 25.58 -7.35 -20.12
N ILE D 118 26.49 -8.14 -19.57
CA ILE D 118 27.86 -8.17 -20.04
C ILE D 118 27.76 -8.74 -21.43
N TYR D 119 28.09 -7.90 -22.41
CA TYR D 119 27.76 -8.11 -23.80
C TYR D 119 27.86 -9.60 -24.27
N TYR D 120 29.03 -10.19 -24.08
CA TYR D 120 29.33 -11.50 -24.61
C TYR D 120 28.42 -12.55 -24.00
N HIS D 121 28.21 -12.43 -22.69
CA HIS D 121 27.41 -13.38 -21.92
C HIS D 121 25.92 -13.20 -22.32
N GLY D 122 25.48 -11.96 -22.49
CA GLY D 122 24.09 -11.69 -22.89
C GLY D 122 23.86 -12.24 -24.27
N SER D 123 24.84 -12.00 -25.14
CA SER D 123 24.81 -12.53 -26.49
C SER D 123 24.66 -14.08 -26.49
N GLN D 124 25.39 -14.75 -25.61
CA GLN D 124 25.35 -16.20 -25.51
C GLN D 124 23.99 -16.66 -25.01
N MET D 125 23.44 -15.95 -24.03
CA MET D 125 22.17 -16.35 -23.45
C MET D 125 21.08 -16.13 -24.49
N LEU D 126 21.21 -15.01 -25.26
CA LEU D 126 20.28 -14.72 -26.33
C LEU D 126 20.28 -15.80 -27.40
N ALA D 127 21.45 -16.31 -27.77
CA ALA D 127 21.55 -17.30 -28.82
C ALA D 127 20.87 -18.62 -28.36
N ALA D 128 21.00 -18.96 -27.08
CA ALA D 128 20.39 -20.18 -26.48
C ALA D 128 18.87 -20.08 -26.57
N ILE D 129 18.33 -18.92 -26.24
CA ILE D 129 16.88 -18.71 -26.24
C ILE D 129 16.34 -18.75 -27.67
N LYS D 130 17.06 -18.11 -28.61
CA LYS D 130 16.70 -18.09 -30.02
C LYS D 130 16.64 -19.52 -30.58
N ASN D 131 17.70 -20.30 -30.32
CA ASN D 131 17.84 -21.63 -30.87
C ASN D 131 16.95 -22.69 -30.25
N PHE D 132 16.78 -22.62 -28.94
CA PHE D 132 16.23 -23.72 -28.16
C PHE D 132 15.01 -23.37 -27.32
N ALA D 133 14.58 -22.11 -27.34
CA ALA D 133 13.39 -21.70 -26.57
C ALA D 133 12.36 -20.95 -27.43
N PRO D 134 11.68 -21.67 -28.34
CA PRO D 134 10.71 -21.04 -29.22
C PRO D 134 9.45 -20.52 -28.49
N HIS D 135 9.24 -20.97 -27.24
CA HIS D 135 8.24 -20.39 -26.29
C HIS D 135 8.58 -18.95 -25.73
N ILE D 136 9.74 -18.41 -26.07
CA ILE D 136 10.17 -17.14 -25.52
C ILE D 136 10.48 -16.24 -26.68
N ARG D 137 10.05 -15.01 -26.57
CA ARG D 137 10.51 -13.97 -27.48
C ARG D 137 11.44 -13.06 -26.69
N ALA D 138 12.63 -12.83 -27.21
CA ALA D 138 13.63 -12.11 -26.46
C ALA D 138 13.98 -10.76 -27.11
N LEU D 139 13.89 -9.73 -26.29
CA LEU D 139 14.26 -8.37 -26.71
C LEU D 139 15.56 -7.90 -26.00
N ALA D 140 16.45 -7.29 -26.77
CA ALA D 140 17.66 -6.72 -26.18
C ALA D 140 17.42 -5.20 -26.24
N ILE D 141 17.37 -4.58 -25.05
CA ILE D 141 17.11 -3.11 -24.91
C ILE D 141 18.29 -2.45 -24.23
N ASP D 142 19.40 -2.65 -24.87
CA ASP D 142 20.72 -2.14 -24.44
C ASP D 142 21.26 -1.09 -25.39
N ARG D 143 22.41 -0.51 -25.03
CA ARG D 143 23.08 0.53 -25.88
C ARG D 143 24.00 -0.10 -26.99
N TYR D 144 23.96 -1.43 -27.07
CA TYR D 144 24.67 -2.24 -28.08
C TYR D 144 23.63 -3.07 -28.82
N TYR D 145 23.81 -3.19 -30.13
CA TYR D 145 22.97 -4.09 -30.91
C TYR D 145 23.37 -5.52 -30.60
N HIS D 146 22.35 -6.32 -30.31
CA HIS D 146 22.50 -7.78 -30.08
C HIS D 146 21.84 -8.58 -31.21
N PRO D 147 22.67 -9.11 -32.16
CA PRO D 147 22.11 -9.85 -33.32
C PRO D 147 21.30 -11.08 -32.88
N ASN D 148 21.56 -11.57 -31.67
CA ASN D 148 20.93 -12.83 -31.23
C ASN D 148 19.60 -12.75 -30.61
N ALA D 149 19.14 -11.51 -30.36
CA ALA D 149 17.82 -11.30 -29.83
C ALA D 149 16.81 -11.45 -31.02
N ASP D 150 15.51 -11.41 -30.74
CA ASP D 150 14.50 -11.42 -31.82
C ASP D 150 14.42 -10.03 -32.40
N MET D 151 14.50 -9.06 -31.49
CA MET D 151 14.55 -7.61 -31.79
C MET D 151 15.49 -6.94 -30.79
N SER D 152 16.17 -5.90 -31.23
CA SER D 152 17.21 -5.26 -30.45
C SER D 152 17.29 -3.75 -30.78
N PHE D 153 17.57 -2.91 -29.77
CA PHE D 153 18.04 -1.57 -30.03
C PHE D 153 19.38 -1.67 -30.80
N GLY D 154 19.77 -0.60 -31.48
CA GLY D 154 21.05 -0.57 -32.25
C GLY D 154 22.22 -0.16 -31.39
N ASN D 155 23.33 0.17 -32.04
CA ASN D 155 24.47 0.72 -31.31
C ASN D 155 24.31 2.20 -31.00
N LEU D 156 23.93 2.51 -29.76
CA LEU D 156 23.65 3.87 -29.32
C LEU D 156 24.70 4.37 -28.29
N TRP D 157 25.62 3.49 -27.92
CA TRP D 157 26.62 3.76 -26.89
C TRP D 157 27.45 5.06 -27.11
N LYS D 158 27.69 5.50 -28.35
CA LYS D 158 28.35 6.79 -28.61
C LYS D 158 27.57 8.05 -28.17
N LYS D 159 26.26 7.91 -27.90
CA LYS D 159 25.47 9.03 -27.38
C LYS D 159 24.44 8.47 -26.44
N GLU D 160 24.86 8.19 -25.22
CA GLU D 160 24.02 7.49 -24.22
C GLU D 160 22.63 8.17 -24.09
N GLU D 161 22.55 9.48 -24.34
CA GLU D 161 21.25 10.18 -24.20
C GLU D 161 20.18 9.65 -25.18
N ASP D 162 20.59 9.28 -26.39
CA ASP D 162 19.69 8.61 -27.37
C ASP D 162 19.11 7.31 -26.84
N TYR D 163 19.96 6.54 -26.15
CA TYR D 163 19.53 5.31 -25.51
C TYR D 163 18.58 5.54 -24.32
N LEU D 164 18.93 6.45 -23.43
CA LEU D 164 18.07 6.84 -22.34
C LEU D 164 16.71 7.37 -22.83
N LYS D 165 16.71 8.06 -23.97
CA LYS D 165 15.45 8.47 -24.63
C LYS D 165 14.54 7.29 -24.96
N LEU D 166 15.08 6.22 -25.52
CA LEU D 166 14.34 5.03 -25.83
C LEU D 166 13.79 4.39 -24.56
N LEU D 167 14.62 4.28 -23.51
CA LEU D 167 14.13 3.68 -22.24
C LEU D 167 12.96 4.52 -21.70
N ASP D 168 13.10 5.86 -21.74
CA ASP D 168 12.05 6.78 -21.30
C ASP D 168 10.76 6.61 -22.14
N GLU D 169 10.92 6.32 -23.44
CA GLU D 169 9.81 6.06 -24.35
C GLU D 169 9.02 4.81 -23.91
N ILE D 170 9.73 3.74 -23.55
CA ILE D 170 9.10 2.55 -23.02
C ILE D 170 8.32 2.91 -21.76
N LEU D 171 8.99 3.54 -20.79
CA LEU D 171 8.36 3.85 -19.48
C LEU D 171 7.08 4.74 -19.59
N ALA D 172 7.14 5.75 -20.47
CA ALA D 172 6.03 6.69 -20.73
C ALA D 172 4.77 5.97 -21.17
N GLU D 173 4.94 4.85 -21.90
CA GLU D 173 3.84 4.06 -22.43
C GLU D 173 3.42 2.95 -21.47
N LEU D 174 4.40 2.53 -20.66
CA LEU D 174 4.31 1.58 -19.54
C LEU D 174 5.07 0.23 -19.79
#